data_3AC5
#
_entry.id   3AC5
#
_cell.length_a   42.303
_cell.length_b   73.809
_cell.length_c   92.603
_cell.angle_alpha   90.00
_cell.angle_beta   90.00
_cell.angle_gamma   90.00
#
_symmetry.space_group_name_H-M   'P 21 21 21'
#
loop_
_entity.id
_entity.type
_entity.pdbx_description
1 polymer 'Proto-oncogene tyrosine-protein kinase LCK'
2 non-polymer 'SULFATE ION'
3 non-polymer 'DIMETHYL SULFOXIDE'
4 non-polymer 5-{[(1R,2S)-2-aminocyclohexyl]amino}-7-[(3,5-dimethoxyphenyl)amino]-2-(3-hydroxyphenyl)[1,2,4]triazolo[1,5-c]pyrimidine-8-carboxamide
5 water water
#
_entity_poly.entity_id   1
_entity_poly.type   'polypeptide(L)'
_entity_poly.pdbx_seq_one_letter_code
;QTQKPQKPWWEDEWEVPRETLKLVERLGAGQFGEVWMGYYNGHTKVAVKSLKQGSMSPDAFLAEANLMKQLQHQRLVRLY
AVVTQEPIYIITEYMENGSLVDFLKTPSGIKLTINKLLDMAAQIAEGMAFIEERNYIHRDLRAANILVSDTLSCKIADFG
LARLIEDNE(PTR)TAREGAKFPIKWTAPEAINYGTFTIKSDVWSFGILLTEIVTHGRIPYPGMTNPEVIQNLERGYRMV
RPDNCPEELYQLMRLCWKERPEDRPTFDYLRSVLEDFFTATEGQYQPQP
;
_entity_poly.pdbx_strand_id   A
#
loop_
_chem_comp.id
_chem_comp.type
_chem_comp.name
_chem_comp.formula
DMS non-polymer 'DIMETHYL SULFOXIDE' 'C2 H6 O S'
KZM non-polymer 5-{[(1R,2S)-2-aminocyclohexyl]amino}-7-[(3,5-dimethoxyphenyl)amino]-2-(3-hydroxyphenyl)[1,2,4]triazolo[1,5-c]pyrimidine-8-carboxamide 'C26 H30 N8 O4'
SO4 non-polymer 'SULFATE ION' 'O4 S -2'
#
# COMPACT_ATOMS: atom_id res chain seq x y z
N LYS A 7 16.15 -3.30 21.12
CA LYS A 7 16.34 -2.25 22.16
C LYS A 7 15.14 -2.25 23.11
N PRO A 8 15.40 -2.22 24.44
CA PRO A 8 14.32 -2.38 25.41
C PRO A 8 13.45 -1.14 25.54
N TRP A 9 12.19 -1.36 25.86
CA TRP A 9 11.20 -0.28 25.93
C TRP A 9 11.68 0.97 26.67
N TRP A 10 12.44 0.76 27.76
CA TRP A 10 12.92 1.88 28.57
C TRP A 10 14.11 2.60 27.93
N GLU A 11 14.55 2.10 26.78
CA GLU A 11 15.63 2.76 26.02
C GLU A 11 15.16 3.12 24.60
N ASP A 12 14.01 2.58 24.23
CA ASP A 12 13.48 2.75 22.88
C ASP A 12 13.05 4.20 22.69
N GLU A 13 13.63 4.87 21.68
CA GLU A 13 13.23 6.24 21.36
C GLU A 13 11.78 6.35 20.87
N TRP A 14 11.24 5.27 20.30
CA TRP A 14 9.86 5.28 19.82
C TRP A 14 8.80 5.02 20.89
N GLU A 15 9.21 4.41 22.00
CA GLU A 15 8.29 4.17 23.11
C GLU A 15 7.81 5.51 23.71
N VAL A 16 6.49 5.66 23.86
CA VAL A 16 5.92 6.81 24.55
C VAL A 16 4.96 6.38 25.65
N PRO A 17 4.85 7.20 26.72
CA PRO A 17 3.89 6.88 27.77
C PRO A 17 2.49 6.99 27.19
N ARG A 18 1.62 6.04 27.54
CA ARG A 18 0.25 6.06 27.05
C ARG A 18 -0.52 7.36 27.39
N GLU A 19 -0.13 8.03 28.47
CA GLU A 19 -0.72 9.31 28.87
C GLU A 19 -0.67 10.39 27.78
N THR A 20 0.37 10.34 26.95
CA THR A 20 0.58 11.36 25.91
C THR A 20 -0.49 11.30 24.82
N LEU A 21 -1.32 10.26 24.84
CA LEU A 21 -2.25 10.02 23.74
C LEU A 21 -3.72 10.20 24.09
N LYS A 22 -4.47 10.69 23.12
CA LYS A 22 -5.89 10.95 23.31
C LYS A 22 -6.67 10.46 22.10
N LEU A 23 -7.38 9.34 22.25
CA LEU A 23 -8.15 8.78 21.16
C LEU A 23 -9.45 9.55 21.05
N VAL A 24 -9.68 10.16 19.88
CA VAL A 24 -10.86 10.97 19.67
C VAL A 24 -11.91 10.24 18.85
N GLU A 25 -11.57 9.90 17.62
CA GLU A 25 -12.51 9.34 16.66
C GLU A 25 -12.04 7.98 16.13
N ARG A 26 -12.95 7.01 16.11
CA ARG A 26 -12.63 5.67 15.61
C ARG A 26 -12.85 5.60 14.11
N LEU A 27 -11.77 5.34 13.38
CA LEU A 27 -11.80 5.30 11.93
C LEU A 27 -12.17 3.94 11.40
N GLY A 28 -11.80 2.90 12.15
CA GLY A 28 -12.03 1.51 11.73
C GLY A 28 -11.97 0.49 12.86
N ALA A 29 -12.70 -0.61 12.66
CA ALA A 29 -12.66 -1.74 13.60
C ALA A 29 -12.67 -3.07 12.83
N GLY A 30 -11.89 -4.02 13.35
CA GLY A 30 -11.74 -5.30 12.70
C GLY A 30 -11.40 -6.42 13.67
N GLN A 31 -11.25 -7.62 13.13
CA GLN A 31 -10.91 -8.81 13.88
C GLN A 31 -9.74 -8.57 14.85
N PHE A 32 -8.72 -7.88 14.36
CA PHE A 32 -7.46 -7.75 15.07
C PHE A 32 -7.29 -6.43 15.84
N GLY A 33 -8.26 -5.53 15.70
CA GLY A 33 -8.23 -4.27 16.45
C GLY A 33 -8.87 -3.08 15.75
N GLU A 34 -8.55 -1.89 16.25
CA GLU A 34 -9.13 -0.65 15.75
C GLU A 34 -8.07 0.35 15.29
N VAL A 35 -8.51 1.32 14.47
CA VAL A 35 -7.69 2.44 14.05
C VAL A 35 -8.39 3.73 14.47
N TRP A 36 -7.68 4.59 15.20
CA TRP A 36 -8.27 5.84 15.67
C TRP A 36 -7.56 7.08 15.12
N MET A 37 -8.28 8.20 15.09
CA MET A 37 -7.65 9.51 14.99
C MET A 37 -7.51 9.95 16.44
N GLY A 38 -6.35 10.48 16.80
CA GLY A 38 -6.12 10.96 18.15
C GLY A 38 -5.19 12.16 18.15
N TYR A 39 -4.81 12.62 19.34
CA TYR A 39 -3.80 13.66 19.46
C TYR A 39 -2.66 13.18 20.34
N TYR A 40 -1.45 13.58 19.99
CA TYR A 40 -0.29 13.33 20.81
C TYR A 40 0.07 14.65 21.50
N ASN A 41 0.33 14.58 22.80
CA ASN A 41 0.57 15.78 23.62
C ASN A 41 -0.35 16.96 23.27
N GLY A 42 -1.64 16.67 23.09
CA GLY A 42 -2.64 17.70 22.90
C GLY A 42 -2.85 18.23 21.50
N HIS A 43 -1.75 18.48 20.78
CA HIS A 43 -1.80 19.30 19.57
C HIS A 43 -1.55 18.59 18.24
N THR A 44 -0.83 17.48 18.27
CA THR A 44 -0.42 16.81 17.04
C THR A 44 -1.38 15.68 16.65
N LYS A 45 -2.16 15.91 15.59
CA LYS A 45 -3.02 14.85 15.06
C LYS A 45 -2.21 13.60 14.66
N VAL A 46 -2.61 12.45 15.23
CA VAL A 46 -1.99 11.18 14.89
C VAL A 46 -3.04 10.09 14.62
N ALA A 47 -2.62 8.97 14.05
CA ALA A 47 -3.47 7.79 13.97
C ALA A 47 -2.90 6.71 14.86
N VAL A 48 -3.77 6.01 15.57
CA VAL A 48 -3.36 5.03 16.57
C VAL A 48 -3.97 3.69 16.22
N LYS A 49 -3.12 2.72 15.87
CA LYS A 49 -3.63 1.35 15.62
C LYS A 49 -3.64 0.51 16.87
N SER A 50 -4.82 -0.06 17.15
CA SER A 50 -5.13 -0.70 18.43
C SER A 50 -5.18 -2.21 18.24
N LEU A 51 -4.39 -2.95 19.01
CA LEU A 51 -4.41 -4.41 18.94
C LEU A 51 -5.42 -5.01 19.91
N LYS A 52 -6.33 -5.82 19.38
CA LYS A 52 -7.32 -6.53 20.18
C LYS A 52 -6.66 -7.66 20.96
N GLN A 53 -6.56 -7.50 22.29
CA GLN A 53 -5.98 -8.53 23.14
C GLN A 53 -6.46 -9.90 22.73
N GLY A 54 -5.52 -10.80 22.48
CA GLY A 54 -5.85 -12.19 22.19
C GLY A 54 -6.06 -12.55 20.74
N SER A 55 -6.40 -11.56 19.91
CA SER A 55 -6.71 -11.82 18.50
C SER A 55 -5.47 -12.24 17.69
N MET A 56 -4.31 -11.81 18.15
CA MET A 56 -3.06 -12.13 17.49
C MET A 56 -1.92 -11.75 18.41
N SER A 57 -0.77 -12.38 18.19
CA SER A 57 0.41 -12.20 19.05
C SER A 57 0.92 -10.77 19.02
N PRO A 58 1.23 -10.20 20.20
CA PRO A 58 1.83 -8.88 20.29
C PRO A 58 3.12 -8.77 19.49
N ASP A 59 3.90 -9.84 19.45
CA ASP A 59 5.14 -9.88 18.67
C ASP A 59 4.82 -9.71 17.20
N ALA A 60 3.79 -10.43 16.74
CA ALA A 60 3.36 -10.36 15.35
C ALA A 60 2.87 -8.97 15.03
N PHE A 61 2.03 -8.41 15.91
CA PHE A 61 1.55 -7.03 15.81
C PHE A 61 2.70 -6.02 15.74
N LEU A 62 3.64 -6.11 16.68
CA LEU A 62 4.72 -5.14 16.76
C LEU A 62 5.73 -5.23 15.64
N ALA A 63 5.83 -6.40 15.01
CA ALA A 63 6.77 -6.59 13.90
C ALA A 63 6.56 -5.56 12.78
N GLU A 64 5.33 -5.10 12.60
CA GLU A 64 5.07 -4.06 11.63
C GLU A 64 5.80 -2.77 12.00
N ALA A 65 5.70 -2.37 13.27
CA ALA A 65 6.36 -1.14 13.75
C ALA A 65 7.88 -1.20 13.57
N ASN A 66 8.46 -2.35 13.90
CA ASN A 66 9.90 -2.55 13.75
C ASN A 66 10.37 -2.39 12.30
N LEU A 67 9.54 -2.83 11.36
CA LEU A 67 9.85 -2.72 9.94
C LEU A 67 9.75 -1.26 9.48
N MET A 68 8.82 -0.51 10.05
CA MET A 68 8.67 0.89 9.72
C MET A 68 9.84 1.72 10.26
N LYS A 69 10.44 1.29 11.37
CA LYS A 69 11.65 1.94 11.89
C LYS A 69 12.73 2.01 10.80
N GLN A 70 12.73 1.00 9.94
CA GLN A 70 13.72 0.83 8.86
C GLN A 70 13.31 1.46 7.53
N LEU A 71 12.04 1.77 7.36
CA LEU A 71 11.54 2.30 6.09
C LEU A 71 11.02 3.72 6.21
N GLN A 72 11.92 4.63 6.55
CA GLN A 72 11.59 6.04 6.70
C GLN A 72 11.82 6.79 5.40
N HIS A 73 10.75 7.36 4.87
CA HIS A 73 10.83 8.17 3.66
C HIS A 73 9.61 9.05 3.63
N GLN A 74 9.74 10.20 3.00
CA GLN A 74 8.65 11.15 2.86
C GLN A 74 7.37 10.57 2.21
N ARG A 75 7.54 9.61 1.30
CA ARG A 75 6.40 9.04 0.56
C ARG A 75 5.85 7.79 1.24
N LEU A 76 6.43 7.43 2.37
CA LEU A 76 5.87 6.38 3.21
C LEU A 76 5.32 6.95 4.51
N VAL A 77 4.12 6.48 4.88
CA VAL A 77 3.50 6.82 6.16
C VAL A 77 4.46 6.48 7.31
N ARG A 78 4.76 7.48 8.13
CA ARG A 78 5.84 7.41 9.11
C ARG A 78 5.40 6.94 10.49
N LEU A 79 6.14 6.01 11.05
CA LEU A 79 5.93 5.60 12.42
C LEU A 79 6.21 6.76 13.37
N TYR A 80 5.25 7.02 14.25
CA TYR A 80 5.36 8.07 15.24
C TYR A 80 5.88 7.52 16.59
N ALA A 81 5.20 6.50 17.11
CA ALA A 81 5.54 5.93 18.42
C ALA A 81 4.98 4.52 18.61
N VAL A 82 5.32 3.90 19.74
CA VAL A 82 4.65 2.69 20.19
C VAL A 82 4.26 2.79 21.66
N VAL A 83 3.23 2.03 22.05
CA VAL A 83 3.02 1.71 23.45
C VAL A 83 3.04 0.18 23.55
N THR A 84 4.11 -0.35 24.13
CA THR A 84 4.35 -1.80 24.13
C THR A 84 3.79 -2.59 25.32
N GLN A 85 2.92 -1.94 26.12
CA GLN A 85 2.19 -2.62 27.19
C GLN A 85 0.69 -2.65 26.88
N GLU A 86 0.04 -3.77 27.16
CA GLU A 86 -1.37 -3.97 26.79
C GLU A 86 -2.36 -2.96 27.41
N PRO A 87 -3.25 -2.38 26.57
CA PRO A 87 -3.29 -2.69 25.13
C PRO A 87 -2.19 -2.02 24.30
N ILE A 88 -1.60 -2.79 23.39
CA ILE A 88 -0.54 -2.33 22.51
C ILE A 88 -1.01 -1.33 21.44
N TYR A 89 -0.22 -0.27 21.25
CA TYR A 89 -0.51 0.74 20.24
C TYR A 89 0.65 0.90 19.28
N ILE A 90 0.34 1.01 17.99
CA ILE A 90 1.27 1.53 17.00
C ILE A 90 0.74 2.90 16.59
N ILE A 91 1.52 3.95 16.79
CA ILE A 91 1.07 5.29 16.46
C ILE A 91 1.79 5.80 15.21
N THR A 92 1.03 6.39 14.29
CA THR A 92 1.58 6.85 13.01
C THR A 92 1.19 8.28 12.61
N GLU A 93 1.93 8.81 11.63
CA GLU A 93 1.54 9.98 10.84
C GLU A 93 0.07 9.86 10.41
N TYR A 94 -0.70 10.93 10.65
CA TYR A 94 -2.13 10.96 10.31
C TYR A 94 -2.37 11.48 8.89
N MET A 95 -3.21 10.77 8.14
CA MET A 95 -3.51 11.16 6.76
C MET A 95 -4.95 11.65 6.68
N GLU A 96 -5.12 12.93 6.38
CA GLU A 96 -6.40 13.59 6.55
C GLU A 96 -7.44 13.13 5.55
N ASN A 97 -7.01 12.67 4.38
CA ASN A 97 -7.99 12.27 3.38
C ASN A 97 -8.17 10.77 3.31
N GLY A 98 -7.54 10.07 4.25
CA GLY A 98 -7.77 8.64 4.39
C GLY A 98 -7.32 7.82 3.20
N SER A 99 -8.02 6.73 2.95
CA SER A 99 -7.59 5.75 1.97
C SER A 99 -7.87 6.22 0.54
N LEU A 100 -6.94 5.94 -0.38
CA LEU A 100 -7.09 6.38 -1.78
C LEU A 100 -8.35 5.81 -2.42
N VAL A 101 -8.60 4.52 -2.20
CA VAL A 101 -9.80 3.91 -2.73
C VAL A 101 -11.07 4.64 -2.31
N ASP A 102 -11.13 5.10 -1.07
CA ASP A 102 -12.29 5.87 -0.57
C ASP A 102 -12.27 7.28 -1.15
N PHE A 103 -11.14 7.96 -1.00
CA PHE A 103 -11.01 9.35 -1.43
C PHE A 103 -11.49 9.59 -2.86
N LEU A 104 -11.06 8.72 -3.77
CA LEU A 104 -11.37 8.87 -5.19
C LEU A 104 -12.86 8.85 -5.45
N LYS A 105 -13.64 8.45 -4.45
CA LYS A 105 -15.08 8.34 -4.59
C LYS A 105 -15.83 9.53 -3.99
N THR A 106 -15.12 10.37 -3.22
CA THR A 106 -15.75 11.54 -2.60
C THR A 106 -15.97 12.63 -3.65
N PRO A 107 -16.83 13.61 -3.34
CA PRO A 107 -17.00 14.80 -4.18
C PRO A 107 -15.69 15.44 -4.65
N SER A 108 -14.69 15.60 -3.78
CA SER A 108 -13.38 16.15 -4.20
C SER A 108 -12.65 15.16 -5.13
N GLY A 109 -12.62 13.88 -4.74
CA GLY A 109 -11.91 12.86 -5.50
C GLY A 109 -12.43 12.82 -6.93
N ILE A 110 -13.75 12.84 -7.03
CA ILE A 110 -14.48 12.83 -8.29
C ILE A 110 -14.09 13.96 -9.26
N LYS A 111 -13.72 15.10 -8.72
CA LYS A 111 -13.36 16.24 -9.57
C LYS A 111 -11.92 16.18 -10.12
N LEU A 112 -11.11 15.24 -9.63
CA LEU A 112 -9.71 15.21 -10.04
C LEU A 112 -9.54 15.00 -11.54
N THR A 113 -8.75 15.84 -12.17
CA THR A 113 -8.42 15.69 -13.57
C THR A 113 -7.51 14.49 -13.76
N ILE A 114 -7.49 13.94 -14.97
CA ILE A 114 -6.56 12.85 -15.27
C ILE A 114 -5.11 13.25 -14.94
N ASN A 115 -4.82 14.55 -15.06
CA ASN A 115 -3.50 15.07 -14.77
C ASN A 115 -3.08 14.84 -13.32
N LYS A 116 -3.98 15.18 -12.40
CA LYS A 116 -3.75 15.02 -10.97
C LYS A 116 -3.71 13.55 -10.63
N LEU A 117 -4.52 12.75 -11.33
CA LEU A 117 -4.46 11.29 -11.22
C LEU A 117 -3.07 10.73 -11.54
N LEU A 118 -2.46 11.16 -12.64
CA LEU A 118 -1.11 10.68 -12.99
C LEU A 118 -0.05 11.22 -12.02
N ASP A 119 -0.26 12.44 -11.51
CA ASP A 119 0.55 13.01 -10.44
C ASP A 119 0.61 12.09 -9.22
N MET A 120 -0.55 11.72 -8.69
CA MET A 120 -0.64 10.78 -7.56
C MET A 120 -0.01 9.44 -7.88
N ALA A 121 -0.22 8.96 -9.12
CA ALA A 121 0.32 7.67 -9.55
C ALA A 121 1.83 7.69 -9.49
N ALA A 122 2.42 8.82 -9.89
CA ALA A 122 3.87 9.02 -9.79
C ALA A 122 4.37 9.07 -8.34
N GLN A 123 3.67 9.80 -7.47
CA GLN A 123 3.98 9.80 -6.03
C GLN A 123 4.04 8.36 -5.48
N ILE A 124 3.04 7.56 -5.81
CA ILE A 124 3.01 6.16 -5.35
C ILE A 124 4.21 5.37 -5.89
N ALA A 125 4.59 5.63 -7.14
CA ALA A 125 5.72 4.91 -7.74
C ALA A 125 7.04 5.32 -7.10
N GLU A 126 7.15 6.61 -6.77
CA GLU A 126 8.31 7.14 -6.08
C GLU A 126 8.48 6.50 -4.71
N GLY A 127 7.37 6.31 -4.00
CA GLY A 127 7.44 5.62 -2.72
C GLY A 127 7.90 4.19 -2.85
N MET A 128 7.34 3.46 -3.80
CA MET A 128 7.75 2.10 -4.10
C MET A 128 9.20 2.04 -4.58
N ALA A 129 9.67 3.09 -5.25
CA ALA A 129 11.06 3.08 -5.74
C ALA A 129 12.02 3.11 -4.56
N PHE A 130 11.58 3.73 -3.46
CA PHE A 130 12.37 3.76 -2.23
C PHE A 130 12.44 2.38 -1.59
N ILE A 131 11.29 1.72 -1.52
CA ILE A 131 11.20 0.38 -0.95
C ILE A 131 12.07 -0.59 -1.76
N GLU A 132 11.97 -0.51 -3.07
CA GLU A 132 12.81 -1.24 -4.01
C GLU A 132 14.29 -1.08 -3.73
N GLU A 133 14.78 0.15 -3.56
CA GLU A 133 16.21 0.35 -3.31
C GLU A 133 16.69 -0.14 -1.94
N ARG A 134 15.78 -0.16 -0.94
CA ARG A 134 16.10 -0.66 0.40
C ARG A 134 16.05 -2.18 0.50
N ASN A 135 15.78 -2.84 -0.61
CA ASN A 135 15.61 -4.29 -0.63
C ASN A 135 14.43 -4.83 0.16
N TYR A 136 13.32 -4.08 0.15
CA TYR A 136 12.05 -4.58 0.68
C TYR A 136 11.04 -4.85 -0.43
N ILE A 137 9.98 -5.56 -0.06
CA ILE A 137 8.80 -5.75 -0.92
C ILE A 137 7.62 -5.41 -0.04
N HIS A 138 6.46 -5.16 -0.67
CA HIS A 138 5.28 -4.73 0.07
C HIS A 138 4.22 -5.86 0.14
N ARG A 139 3.93 -6.47 -1.00
CA ARG A 139 3.06 -7.66 -1.05
C ARG A 139 1.57 -7.40 -0.92
N ASP A 140 1.20 -6.16 -0.60
CA ASP A 140 -0.22 -5.78 -0.41
C ASP A 140 -0.45 -4.43 -1.10
N LEU A 141 0.27 -4.19 -2.19
CA LEU A 141 0.16 -2.89 -2.86
C LEU A 141 -1.17 -2.84 -3.64
N ARG A 142 -1.97 -1.83 -3.33
CA ARG A 142 -3.33 -1.68 -3.85
C ARG A 142 -3.85 -0.36 -3.32
N ALA A 143 -4.82 0.25 -4.00
CA ALA A 143 -5.28 1.59 -3.61
C ALA A 143 -5.85 1.70 -2.18
N ALA A 144 -6.37 0.61 -1.64
CA ALA A 144 -6.87 0.65 -0.26
C ALA A 144 -5.72 0.90 0.73
N ASN A 145 -4.48 0.55 0.32
CA ASN A 145 -3.30 0.74 1.16
C ASN A 145 -2.43 1.95 0.77
N ILE A 146 -3.04 2.87 0.03
CA ILE A 146 -2.42 4.16 -0.23
C ILE A 146 -3.22 5.20 0.54
N LEU A 147 -2.53 6.05 1.30
CA LEU A 147 -3.23 7.08 2.07
C LEU A 147 -2.99 8.45 1.46
N VAL A 148 -3.99 9.33 1.59
CA VAL A 148 -3.96 10.62 0.95
C VAL A 148 -3.97 11.69 2.04
N SER A 149 -3.16 12.72 1.84
CA SER A 149 -3.02 13.79 2.82
C SER A 149 -3.95 14.95 2.50
N ASP A 150 -4.07 15.88 3.44
CA ASP A 150 -4.90 17.07 3.24
C ASP A 150 -4.47 17.94 2.05
N THR A 151 -3.23 17.79 1.58
CA THR A 151 -2.75 18.53 0.40
C THR A 151 -2.82 17.71 -0.89
N LEU A 152 -3.64 16.64 -0.88
CA LEU A 152 -3.78 15.70 -2.01
C LEU A 152 -2.44 15.08 -2.40
N SER A 153 -1.74 14.63 -1.36
CA SER A 153 -0.44 13.99 -1.42
C SER A 153 -0.63 12.50 -1.08
N CYS A 154 0.18 11.62 -1.67
CA CYS A 154 0.01 10.16 -1.48
C CYS A 154 1.21 9.52 -0.80
N LYS A 155 0.92 8.57 0.09
CA LYS A 155 1.97 7.82 0.80
C LYS A 155 1.62 6.33 0.88
N ILE A 156 2.65 5.47 0.89
CA ILE A 156 2.42 4.03 1.04
C ILE A 156 2.11 3.72 2.51
N ALA A 157 1.22 2.77 2.78
CA ALA A 157 0.90 2.39 4.14
C ALA A 157 0.73 0.88 4.29
N ASP A 158 0.41 0.42 5.51
CA ASP A 158 0.04 -0.99 5.73
C ASP A 158 1.19 -1.95 5.35
N PHE A 159 2.23 -1.97 6.17
CA PHE A 159 3.39 -2.81 5.97
C PHE A 159 3.32 -4.17 6.68
N GLY A 160 2.12 -4.58 7.09
CA GLY A 160 1.94 -5.89 7.73
C GLY A 160 2.60 -7.06 7.03
N LEU A 161 2.61 -7.03 5.69
CA LEU A 161 3.15 -8.14 4.90
C LEU A 161 4.51 -7.83 4.30
N ALA A 162 5.00 -6.62 4.52
CA ALA A 162 6.28 -6.19 3.96
C ALA A 162 7.43 -7.02 4.56
N ARG A 163 8.46 -7.26 3.74
CA ARG A 163 9.56 -8.12 4.14
C ARG A 163 10.88 -7.59 3.61
N LEU A 164 11.93 -7.71 4.40
CA LEU A 164 13.29 -7.49 3.90
C LEU A 164 13.67 -8.69 3.05
N ILE A 165 14.29 -8.44 1.90
CA ILE A 165 14.60 -9.51 0.98
C ILE A 165 16.12 -9.66 0.89
N GLU A 166 16.63 -10.75 1.45
CA GLU A 166 18.07 -11.00 1.47
C GLU A 166 18.52 -11.49 0.10
N ASP A 167 17.89 -12.58 -0.36
CA ASP A 167 18.26 -13.27 -1.60
C ASP A 167 17.20 -13.15 -2.69
N ASN A 168 16.89 -11.91 -3.09
CA ASN A 168 15.94 -11.68 -4.18
C ASN A 168 14.48 -12.08 -3.89
N GLU A 169 14.26 -13.08 -3.04
CA GLU A 169 12.97 -13.78 -3.00
C GLU A 169 12.45 -14.18 -1.61
N PTR A 170 11.20 -13.82 -1.33
CA PTR A 170 10.46 -14.33 -0.17
C PTR A 170 9.44 -15.37 -0.66
O PTR A 170 8.68 -15.12 -1.59
CB PTR A 170 9.84 -13.21 0.69
CG PTR A 170 8.87 -13.68 1.78
CD1 PTR A 170 9.13 -13.44 3.13
CD2 PTR A 170 7.67 -14.27 1.44
CE1 PTR A 170 8.24 -13.84 4.12
CE2 PTR A 170 6.77 -14.67 2.42
CZ PTR A 170 7.05 -14.46 3.76
OH PTR A 170 6.20 -14.84 4.59
P PTR A 170 6.52 -15.10 6.14
O1P PTR A 170 7.98 -15.33 6.27
O2P PTR A 170 6.13 -13.87 6.99
O3P PTR A 170 5.74 -16.32 6.66
N THR A 171 9.49 -16.54 -0.04
CA THR A 171 8.55 -17.62 -0.33
C THR A 171 7.62 -17.76 0.87
N ALA A 172 6.30 -17.76 0.63
CA ALA A 172 5.33 -17.90 1.70
C ALA A 172 4.94 -19.35 1.91
N ARG A 173 4.11 -19.62 2.92
CA ARG A 173 3.63 -20.98 3.18
C ARG A 173 2.71 -21.36 2.04
N GLU A 174 2.66 -22.65 1.69
CA GLU A 174 1.79 -23.07 0.60
C GLU A 174 0.31 -23.16 0.99
N GLY A 175 -0.01 -22.80 2.23
CA GLY A 175 -1.40 -22.64 2.65
C GLY A 175 -1.77 -21.20 2.95
N ALA A 176 -1.12 -20.26 2.26
CA ALA A 176 -1.37 -18.83 2.48
C ALA A 176 -2.12 -18.22 1.30
N LYS A 177 -3.00 -17.26 1.58
CA LYS A 177 -3.91 -16.71 0.56
C LYS A 177 -3.73 -15.22 0.30
N PHE A 178 -3.89 -14.83 -0.96
CA PHE A 178 -3.73 -13.44 -1.37
C PHE A 178 -4.82 -13.02 -2.35
N PRO A 179 -5.22 -11.74 -2.29
CA PRO A 179 -6.23 -11.26 -3.22
C PRO A 179 -5.79 -11.63 -4.62
N ILE A 180 -6.60 -12.40 -5.32
CA ILE A 180 -6.18 -12.94 -6.61
C ILE A 180 -6.08 -11.88 -7.71
N LYS A 181 -6.84 -10.81 -7.57
CA LYS A 181 -6.87 -9.78 -8.61
C LYS A 181 -5.71 -8.79 -8.58
N TRP A 182 -5.11 -8.62 -7.41
CA TRP A 182 -4.00 -7.67 -7.26
C TRP A 182 -2.64 -8.35 -7.26
N THR A 183 -2.64 -9.68 -7.11
CA THR A 183 -1.42 -10.45 -6.85
C THR A 183 -0.87 -11.15 -8.09
N ALA A 184 0.43 -11.02 -8.29
CA ALA A 184 1.11 -11.59 -9.45
C ALA A 184 0.96 -13.12 -9.54
N PRO A 185 0.78 -13.67 -10.75
CA PRO A 185 0.62 -15.12 -10.95
C PRO A 185 1.65 -16.00 -10.20
N GLU A 186 2.93 -15.63 -10.27
CA GLU A 186 3.97 -16.42 -9.63
C GLU A 186 3.78 -16.47 -8.11
N ALA A 187 3.37 -15.35 -7.52
CA ALA A 187 3.07 -15.31 -6.09
C ALA A 187 1.84 -16.15 -5.73
N ILE A 188 0.79 -16.07 -6.54
CA ILE A 188 -0.39 -16.87 -6.30
C ILE A 188 -0.04 -18.34 -6.47
N ASN A 189 0.67 -18.64 -7.55
CA ASN A 189 0.96 -20.02 -7.91
C ASN A 189 2.04 -20.73 -7.10
N TYR A 190 3.14 -20.04 -6.81
CA TYR A 190 4.29 -20.68 -6.16
C TYR A 190 4.59 -20.10 -4.80
N GLY A 191 3.86 -19.05 -4.41
CA GLY A 191 4.12 -18.38 -3.15
C GLY A 191 5.40 -17.58 -3.18
N THR A 192 5.95 -17.38 -4.38
CA THR A 192 7.20 -16.63 -4.53
C THR A 192 6.98 -15.14 -4.80
N PHE A 193 7.47 -14.29 -3.89
CA PHE A 193 7.29 -12.85 -4.00
C PHE A 193 8.61 -12.16 -4.33
N THR A 194 8.51 -11.04 -5.04
CA THR A 194 9.68 -10.30 -5.49
C THR A 194 9.24 -8.85 -5.63
N ILE A 195 10.17 -7.92 -5.78
CA ILE A 195 9.78 -6.53 -6.04
C ILE A 195 9.00 -6.48 -7.36
N LYS A 196 9.23 -7.45 -8.24
CA LYS A 196 8.53 -7.51 -9.53
C LYS A 196 7.10 -7.97 -9.35
N SER A 197 6.80 -8.60 -8.22
CA SER A 197 5.44 -8.98 -7.89
C SER A 197 4.66 -7.73 -7.47
N ASP A 198 5.33 -6.80 -6.81
CA ASP A 198 4.71 -5.52 -6.43
C ASP A 198 4.47 -4.71 -7.70
N VAL A 199 5.41 -4.76 -8.62
CA VAL A 199 5.27 -4.05 -9.87
C VAL A 199 3.98 -4.47 -10.56
N TRP A 200 3.67 -5.76 -10.50
CA TRP A 200 2.43 -6.28 -11.05
C TRP A 200 1.22 -5.68 -10.32
N SER A 201 1.32 -5.59 -9.00
CA SER A 201 0.22 -5.04 -8.21
C SER A 201 0.04 -3.58 -8.59
N PHE A 202 1.16 -2.91 -8.82
CA PHE A 202 1.11 -1.51 -9.17
C PHE A 202 0.25 -1.32 -10.42
N GLY A 203 0.46 -2.18 -11.41
CA GLY A 203 -0.36 -2.16 -12.62
C GLY A 203 -1.85 -2.18 -12.32
N ILE A 204 -2.29 -3.11 -11.47
CA ILE A 204 -3.67 -3.17 -11.02
C ILE A 204 -4.10 -1.89 -10.31
N LEU A 205 -3.20 -1.34 -9.48
CA LEU A 205 -3.50 -0.14 -8.71
C LEU A 205 -3.81 1.01 -9.66
N LEU A 206 -3.11 1.05 -10.79
CA LEU A 206 -3.36 2.06 -11.84
C LEU A 206 -4.78 2.02 -12.39
N THR A 207 -5.34 0.82 -12.59
CA THR A 207 -6.73 0.72 -13.03
C THR A 207 -7.67 1.30 -11.97
N GLU A 208 -7.34 1.10 -10.70
CA GLU A 208 -8.15 1.61 -9.61
C GLU A 208 -8.14 3.13 -9.59
N ILE A 209 -6.99 3.73 -9.89
CA ILE A 209 -6.86 5.19 -9.96
C ILE A 209 -7.69 5.79 -11.11
N VAL A 210 -7.50 5.26 -12.31
CA VAL A 210 -8.16 5.78 -13.49
C VAL A 210 -9.67 5.52 -13.52
N THR A 211 -10.14 4.49 -12.80
CA THR A 211 -11.57 4.17 -12.72
C THR A 211 -12.20 4.67 -11.41
N HIS A 212 -11.45 5.50 -10.70
CA HIS A 212 -11.93 6.09 -9.45
C HIS A 212 -12.31 5.07 -8.37
N GLY A 213 -11.54 3.99 -8.26
CA GLY A 213 -11.73 3.03 -7.18
C GLY A 213 -12.54 1.78 -7.47
N ARG A 214 -12.85 1.55 -8.74
CA ARG A 214 -13.61 0.37 -9.12
C ARG A 214 -12.80 -0.91 -8.92
N ILE A 215 -13.49 -2.00 -8.56
CA ILE A 215 -12.89 -3.34 -8.48
C ILE A 215 -12.31 -3.77 -9.83
N PRO A 216 -11.07 -4.28 -9.83
CA PRO A 216 -10.41 -4.70 -11.08
C PRO A 216 -11.17 -5.80 -11.81
N TYR A 217 -10.85 -5.98 -13.09
CA TYR A 217 -11.45 -7.02 -13.91
C TYR A 217 -12.97 -6.99 -13.82
N PRO A 218 -13.58 -5.86 -14.21
CA PRO A 218 -15.04 -5.74 -14.11
C PRO A 218 -15.71 -7.01 -14.63
N GLY A 219 -16.68 -7.52 -13.88
CA GLY A 219 -17.54 -8.61 -14.34
C GLY A 219 -16.95 -10.01 -14.28
N MET A 220 -15.75 -10.15 -13.72
CA MET A 220 -15.08 -11.44 -13.71
C MET A 220 -14.91 -11.97 -12.31
N THR A 221 -15.09 -13.28 -12.15
CA THR A 221 -14.79 -13.98 -10.91
C THR A 221 -13.30 -14.27 -10.86
N ASN A 222 -12.83 -14.66 -9.67
CA ASN A 222 -11.43 -15.02 -9.53
C ASN A 222 -10.90 -16.08 -10.50
N PRO A 223 -11.62 -17.20 -10.68
CA PRO A 223 -11.09 -18.18 -11.64
C PRO A 223 -11.24 -17.75 -13.10
N GLU A 224 -12.20 -16.90 -13.43
CA GLU A 224 -12.22 -16.34 -14.77
C GLU A 224 -10.99 -15.48 -15.01
N VAL A 225 -10.54 -14.76 -13.96
CA VAL A 225 -9.36 -13.90 -14.06
C VAL A 225 -8.09 -14.74 -14.29
N ILE A 226 -8.02 -15.89 -13.62
CA ILE A 226 -6.91 -16.81 -13.78
C ILE A 226 -6.89 -17.46 -15.17
N GLN A 227 -8.07 -17.87 -15.66
CA GLN A 227 -8.16 -18.49 -16.97
C GLN A 227 -7.69 -17.52 -18.05
N ASN A 228 -8.18 -16.28 -17.99
CA ASN A 228 -7.86 -15.30 -19.01
C ASN A 228 -6.37 -14.98 -19.07
N LEU A 229 -5.78 -14.64 -17.92
CA LEU A 229 -4.36 -14.31 -17.85
C LEU A 229 -3.52 -15.40 -18.50
N GLU A 230 -3.87 -16.64 -18.24
CA GLU A 230 -3.13 -17.77 -18.77
C GLU A 230 -3.23 -17.92 -20.29
N ARG A 231 -4.32 -17.42 -20.87
CA ARG A 231 -4.47 -17.41 -22.32
C ARG A 231 -3.57 -16.34 -22.93
N GLY A 232 -3.03 -15.46 -22.09
CA GLY A 232 -2.25 -14.33 -22.57
C GLY A 232 -2.99 -13.00 -22.57
N TYR A 233 -4.27 -13.04 -22.23
CA TYR A 233 -5.09 -11.83 -22.07
C TYR A 233 -4.69 -11.06 -20.83
N ARG A 234 -4.88 -9.75 -20.86
CA ARG A 234 -4.78 -8.94 -19.65
C ARG A 234 -6.08 -8.17 -19.44
N MET A 235 -6.21 -7.44 -18.34
CA MET A 235 -7.45 -6.70 -18.07
C MET A 235 -7.80 -5.87 -19.29
N VAL A 236 -9.09 -5.89 -19.63
CA VAL A 236 -9.66 -5.05 -20.68
C VAL A 236 -9.47 -3.55 -20.37
N ARG A 237 -9.23 -2.75 -21.40
CA ARG A 237 -9.01 -1.32 -21.22
C ARG A 237 -10.15 -0.73 -20.41
N PRO A 238 -9.82 -0.11 -19.27
CA PRO A 238 -10.84 0.57 -18.49
C PRO A 238 -11.41 1.77 -19.25
N ASP A 239 -12.63 2.16 -18.89
CA ASP A 239 -13.24 3.40 -19.41
C ASP A 239 -12.37 4.60 -19.05
N ASN A 240 -12.26 5.54 -19.98
CA ASN A 240 -11.55 6.81 -19.76
C ASN A 240 -10.10 6.63 -19.35
N CYS A 241 -9.46 5.60 -19.89
CA CYS A 241 -8.06 5.33 -19.58
C CYS A 241 -7.18 5.75 -20.75
N PRO A 242 -6.21 6.67 -20.50
CA PRO A 242 -5.37 7.04 -21.61
C PRO A 242 -4.63 5.79 -22.12
N GLU A 243 -4.51 5.65 -23.43
CA GLU A 243 -3.77 4.54 -24.01
C GLU A 243 -2.32 4.48 -23.50
N GLU A 244 -1.68 5.63 -23.36
CA GLU A 244 -0.36 5.65 -22.74
C GLU A 244 -0.32 4.91 -21.40
N LEU A 245 -1.25 5.24 -20.51
CA LEU A 245 -1.32 4.62 -19.19
C LEU A 245 -1.58 3.12 -19.29
N TYR A 246 -2.42 2.71 -20.22
CA TYR A 246 -2.78 1.30 -20.33
C TYR A 246 -1.59 0.46 -20.78
N GLN A 247 -0.77 1.01 -21.67
CA GLN A 247 0.41 0.30 -22.17
C GLN A 247 1.47 0.22 -21.08
N LEU A 248 1.42 1.16 -20.16
CA LEU A 248 2.25 1.13 -18.96
C LEU A 248 1.79 0.05 -17.99
N MET A 249 0.47 -0.15 -17.88
CA MET A 249 -0.06 -1.22 -17.05
C MET A 249 0.41 -2.55 -17.66
N ARG A 250 0.28 -2.65 -18.97
CA ARG A 250 0.79 -3.81 -19.72
C ARG A 250 2.24 -4.18 -19.39
N LEU A 251 3.15 -3.20 -19.42
CA LEU A 251 4.54 -3.45 -18.97
C LEU A 251 4.58 -4.08 -17.58
N CYS A 252 3.80 -3.51 -16.66
CA CYS A 252 3.70 -4.06 -15.31
C CYS A 252 3.21 -5.50 -15.31
N TRP A 253 2.41 -5.89 -16.31
CA TRP A 253 1.84 -7.24 -16.31
C TRP A 253 2.56 -8.25 -17.21
N LYS A 254 3.82 -7.99 -17.58
CA LYS A 254 4.58 -8.94 -18.39
C LYS A 254 4.62 -10.32 -17.75
N GLU A 255 4.67 -11.34 -18.59
CA GLU A 255 4.68 -12.73 -18.14
C GLU A 255 5.85 -13.04 -17.20
N ARG A 256 7.05 -12.60 -17.57
CA ARG A 256 8.22 -12.86 -16.72
C ARG A 256 8.50 -11.70 -15.75
N PRO A 257 8.63 -12.01 -14.46
CA PRO A 257 8.95 -11.01 -13.45
C PRO A 257 10.09 -10.09 -13.90
N GLU A 258 11.18 -10.66 -14.40
CA GLU A 258 12.35 -9.87 -14.75
C GLU A 258 12.16 -8.97 -15.99
N ASP A 259 11.05 -9.17 -16.70
CA ASP A 259 10.72 -8.32 -17.85
C ASP A 259 9.94 -7.09 -17.43
N ARG A 260 9.45 -7.11 -16.19
CA ARG A 260 8.67 -5.99 -15.68
C ARG A 260 9.61 -4.84 -15.33
N PRO A 261 9.17 -3.60 -15.58
CA PRO A 261 10.01 -2.42 -15.39
C PRO A 261 10.36 -2.24 -13.92
N THR A 262 11.33 -1.39 -13.61
CA THR A 262 11.62 -1.05 -12.21
C THR A 262 10.63 0.01 -11.72
N PHE A 263 10.56 0.22 -10.42
CA PHE A 263 9.71 1.29 -9.91
C PHE A 263 10.27 2.69 -10.23
N ASP A 264 11.59 2.82 -10.31
CA ASP A 264 12.18 4.10 -10.69
C ASP A 264 11.84 4.42 -12.14
N TYR A 265 11.92 3.42 -13.01
CA TYR A 265 11.44 3.62 -14.37
C TYR A 265 9.97 4.09 -14.40
N LEU A 266 9.09 3.33 -13.75
CA LEU A 266 7.66 3.68 -13.66
C LEU A 266 7.42 5.10 -13.16
N ARG A 267 8.21 5.53 -12.18
CA ARG A 267 8.15 6.89 -11.68
C ARG A 267 8.53 7.92 -12.73
N SER A 268 9.64 7.71 -13.43
CA SER A 268 10.06 8.68 -14.42
C SER A 268 9.02 8.74 -15.54
N VAL A 269 8.53 7.60 -15.98
CA VAL A 269 7.52 7.61 -17.03
C VAL A 269 6.28 8.38 -16.57
N LEU A 270 5.76 8.07 -15.38
CA LEU A 270 4.58 8.76 -14.90
C LEU A 270 4.77 10.28 -14.73
N GLU A 271 5.98 10.70 -14.36
CA GLU A 271 6.25 12.14 -14.27
C GLU A 271 6.25 12.82 -15.62
N ASP A 272 6.57 12.07 -16.67
CA ASP A 272 6.46 12.58 -18.03
C ASP A 272 5.00 12.71 -18.50
N PHE A 273 4.19 11.69 -18.25
CA PHE A 273 2.77 11.76 -18.61
C PHE A 273 2.16 12.96 -17.90
N PHE A 274 2.54 13.14 -16.64
CA PHE A 274 1.99 14.19 -15.80
C PHE A 274 2.27 15.60 -16.35
N THR A 275 3.54 15.91 -16.61
CA THR A 275 3.91 17.24 -17.08
C THR A 275 3.52 17.46 -18.54
N ALA A 276 3.06 16.40 -19.20
CA ALA A 276 2.58 16.52 -20.58
C ALA A 276 1.12 16.97 -20.57
N THR A 277 0.41 16.59 -19.51
CA THR A 277 -1.00 16.94 -19.36
C THR A 277 -1.22 18.11 -18.38
N GLU A 278 -2.19 18.11 -17.61
S SO4 B . 4.68 15.33 1.57
O1 SO4 B . 4.41 16.76 1.64
O2 SO4 B . 5.82 15.06 0.71
O3 SO4 B . 3.51 14.63 1.06
O4 SO4 B . 5.00 14.82 2.91
S SO4 C . 11.70 4.51 -22.90
O1 SO4 C . 12.01 5.85 -23.39
O2 SO4 C . 12.94 3.87 -22.47
O3 SO4 C . 11.08 3.74 -23.98
O4 SO4 C . 10.73 4.61 -21.80
S DMS D . 6.30 -0.70 29.28
O DMS D . 5.66 -0.35 30.93
C1 DMS D . 5.15 -0.10 28.01
C2 DMS D . 6.26 -2.47 28.94
O1 KZM E . -4.56 8.61 8.86
O2 KZM E . -10.15 11.05 7.25
O3 KZM E . -11.31 6.41 6.87
N4 KZM E . -7.16 5.34 8.16
N5 KZM E . -7.33 2.97 8.14
N6 KZM E . -2.76 7.25 8.89
C7 KZM E . -4.45 4.95 8.74
N8 KZM E . -6.92 7.76 8.19
C9 KZM E . -10.76 8.74 7.06
C10 KZM E . -9.37 1.67 7.96
C11 KZM E . -9.11 7.05 7.53
C12 KZM E . -6.41 6.46 8.32
C13 KZM E . -4.07 7.49 8.79
N14 KZM E . -5.29 3.95 8.57
C15 KZM E . -8.54 9.38 7.71
C16 KZM E . -4.96 6.31 8.61
C17 KZM E . -8.18 8.05 7.80
C18 KZM E . -9.83 9.73 7.34
C19 KZM E . -8.67 2.97 7.56
C20 KZM E . -11.01 11.49 6.18
C21 KZM E . -6.60 4.11 8.28
C22 KZM E . -10.40 7.39 7.16
C23 KZM E . -8.57 3.11 6.06
C24 KZM E . -10.80 1.58 7.44
C25 KZM E . -11.02 2.48 6.22
C26 KZM E . -12.40 6.16 7.77
C27 KZM E . -9.78 2.52 5.33
N28 KZM E . -7.35 2.45 5.61
N29 KZM E . -3.25 4.39 8.99
N30 KZM E . -4.68 2.72 8.70
C31 KZM E . -3.38 3.03 8.96
C32 KZM E . -2.31 2.01 9.21
C33 KZM E . -2.21 0.91 8.39
C34 KZM E . -1.45 2.16 10.29
C35 KZM E . -1.24 -0.06 8.62
C36 KZM E . -0.47 1.19 10.52
C37 KZM E . -0.36 0.08 9.69
O66 KZM E . 0.38 1.33 11.58
#